data_4BNQ
#
_entry.id   4BNQ
#
_cell.length_a   54.403
_cell.length_b   101.542
_cell.length_c   102.016
_cell.angle_alpha   90.00
_cell.angle_beta   90.00
_cell.angle_gamma   90.00
#
_symmetry.space_group_name_H-M   'P 21 21 21'
#
loop_
_entity.id
_entity.type
_entity.pdbx_description
1 polymer 'NON-CANONICAL PURINE NTP PYROPHOSPHATASE'
2 non-polymer 'PHOSPHATE ION'
3 non-polymer GLYCEROL
4 water water
#
_entity_poly.entity_id   1
_entity_poly.type   'polypeptide(L)'
_entity_poly.pdbx_seq_one_letter_code
;MKEIVIASNNQGKINDFKVIFPDYHVIGISELIPDFDVEETGSTFEENAILKSEAAAKALNKTVIADDSGLEVFALNGEP
GIYSARYAGENKSDEANIEKLLNKLGNTTDRRAQFVCVISMSGPDMETKVFKGTVSGEIADGKYGENGFGYDPIFYVPKL
DKTMAQLSKEQKGQISHRRNAINLLQAFLEGEKNV
;
_entity_poly.pdbx_strand_id   A,B
#
# COMPACT_ATOMS: atom_id res chain seq x y z
N LYS A 2 15.01 19.56 -9.44
CA LYS A 2 14.06 18.48 -9.19
C LYS A 2 12.67 19.05 -8.86
N GLU A 3 11.75 18.97 -9.82
CA GLU A 3 10.46 19.64 -9.75
C GLU A 3 9.31 18.72 -10.11
N ILE A 4 8.20 18.87 -9.41
CA ILE A 4 6.98 18.20 -9.82
C ILE A 4 5.78 19.15 -9.82
N VAL A 5 5.08 19.21 -10.96
CA VAL A 5 3.90 20.06 -11.07
C VAL A 5 2.67 19.24 -10.76
N ILE A 6 1.88 19.71 -9.80
CA ILE A 6 0.67 18.98 -9.44
C ILE A 6 -0.61 19.74 -9.84
N ALA A 7 -1.38 19.13 -10.73
CA ALA A 7 -2.56 19.78 -11.29
C ALA A 7 -3.74 19.61 -10.35
N SER A 8 -3.62 20.19 -9.15
CA SER A 8 -4.70 20.17 -8.20
C SER A 8 -4.85 21.54 -7.60
N ASN A 9 -6.11 21.96 -7.45
CA ASN A 9 -6.47 23.25 -6.84
C ASN A 9 -6.62 23.12 -5.34
N ASN A 10 -6.48 21.89 -4.84
CA ASN A 10 -6.74 21.64 -3.44
C ASN A 10 -5.46 21.86 -2.63
N GLN A 11 -5.46 22.91 -1.80
CA GLN A 11 -4.25 23.28 -1.06
C GLN A 11 -3.88 22.25 -0.01
N GLY A 12 -4.87 21.51 0.49
CA GLY A 12 -4.64 20.40 1.41
C GLY A 12 -3.85 19.31 0.75
N LYS A 13 -4.26 18.91 -0.47
CA LYS A 13 -3.51 17.94 -1.25
C LYS A 13 -2.06 18.38 -1.50
N ILE A 14 -1.89 19.63 -1.93
CA ILE A 14 -0.54 20.15 -2.18
C ILE A 14 0.33 20.03 -0.92
N ASN A 15 -0.22 20.38 0.24
CA ASN A 15 0.47 20.21 1.50
C ASN A 15 0.92 18.77 1.74
N ASP A 16 0.03 17.82 1.50
CA ASP A 16 0.37 16.41 1.69
C ASP A 16 1.48 16.03 0.74
N PHE A 17 1.41 16.54 -0.48
CA PHE A 17 2.39 16.16 -1.48
C PHE A 17 3.76 16.70 -1.11
N LYS A 18 3.79 17.84 -0.42
CA LYS A 18 5.06 18.44 -0.02
C LYS A 18 5.75 17.57 1.03
N VAL A 19 4.96 17.04 1.98
CA VAL A 19 5.44 16.06 2.95
C VAL A 19 6.01 14.81 2.28
N ILE A 20 5.30 14.30 1.28
CA ILE A 20 5.62 13.05 0.60
C ILE A 20 6.77 13.17 -0.42
N PHE A 21 7.02 14.37 -0.93
CA PHE A 21 8.17 14.60 -1.81
C PHE A 21 9.12 15.63 -1.19
N PRO A 22 9.81 15.28 -0.09
CA PRO A 22 10.62 16.31 0.56
C PRO A 22 11.84 16.68 -0.26
N ASP A 23 12.23 15.81 -1.21
CA ASP A 23 13.38 16.09 -2.06
C ASP A 23 12.99 16.87 -3.30
N TYR A 24 11.71 17.20 -3.45
CA TYR A 24 11.28 17.88 -4.67
C TYR A 24 10.88 19.29 -4.42
N HIS A 25 11.00 20.12 -5.45
CA HIS A 25 10.28 21.37 -5.41
C HIS A 25 8.87 21.06 -5.91
N VAL A 26 7.91 21.05 -4.98
CA VAL A 26 6.53 20.75 -5.32
C VAL A 26 5.86 22.03 -5.78
N ILE A 27 5.34 22.02 -7.01
CA ILE A 27 4.68 23.19 -7.58
C ILE A 27 3.18 22.88 -7.78
N GLY A 28 2.33 23.55 -7.01
CA GLY A 28 0.90 23.39 -7.15
C GLY A 28 0.42 24.16 -8.38
N ILE A 29 -0.61 23.68 -9.05
CA ILE A 29 -1.09 24.34 -10.26
C ILE A 29 -1.50 25.79 -10.03
N SER A 30 -1.96 26.12 -8.82
CA SER A 30 -2.38 27.49 -8.55
C SER A 30 -1.26 28.51 -8.75
N GLU A 31 -0.01 28.05 -8.72
CA GLU A 31 1.11 28.94 -8.98
C GLU A 31 1.24 29.28 -10.46
N LEU A 32 0.88 28.33 -11.31
CA LEU A 32 1.04 28.46 -12.76
C LEU A 32 -0.26 28.88 -13.47
N ILE A 33 -1.38 28.31 -13.02
CA ILE A 33 -2.70 28.62 -13.56
C ILE A 33 -3.67 28.80 -12.40
N PRO A 34 -3.68 30.01 -11.81
CA PRO A 34 -4.47 30.33 -10.62
C PRO A 34 -5.97 30.00 -10.79
N ASP A 35 -6.46 30.04 -12.03
CA ASP A 35 -7.86 29.72 -12.26
C ASP A 35 -8.06 28.42 -13.03
N PHE A 36 -7.12 27.50 -12.88
CA PHE A 36 -7.27 26.15 -13.38
C PHE A 36 -8.67 25.64 -13.02
N ASP A 37 -9.38 25.14 -14.01
CA ASP A 37 -10.75 24.69 -13.78
C ASP A 37 -11.11 23.66 -14.84
N VAL A 38 -10.87 22.40 -14.55
CA VAL A 38 -11.22 21.32 -15.47
C VAL A 38 -12.56 20.71 -15.09
N GLU A 39 -13.44 20.54 -16.07
CA GLU A 39 -14.73 19.89 -15.81
C GLU A 39 -14.59 18.39 -15.47
N GLU A 40 -14.78 18.02 -14.20
CA GLU A 40 -14.69 16.62 -13.81
C GLU A 40 -15.93 15.85 -14.26
N THR A 41 -15.92 15.39 -15.50
CA THR A 41 -17.05 14.66 -16.07
C THR A 41 -16.85 13.17 -16.05
N GLY A 42 -15.85 12.70 -15.31
CA GLY A 42 -15.63 11.28 -15.22
C GLY A 42 -16.59 10.61 -14.25
N SER A 43 -16.74 9.29 -14.39
CA SER A 43 -17.60 8.54 -13.50
C SER A 43 -16.78 7.71 -12.51
N THR A 44 -15.45 7.84 -12.57
CA THR A 44 -14.54 7.20 -11.62
C THR A 44 -13.43 8.16 -11.21
N PHE A 45 -12.78 7.89 -10.08
CA PHE A 45 -11.60 8.65 -9.66
C PHE A 45 -10.57 8.71 -10.78
N GLU A 46 -10.34 7.57 -11.44
CA GLU A 46 -9.30 7.45 -12.44
C GLU A 46 -9.55 8.39 -13.61
N GLU A 47 -10.80 8.42 -14.07
CA GLU A 47 -11.20 9.28 -15.17
C GLU A 47 -11.07 10.75 -14.83
N ASN A 48 -11.42 11.10 -13.60
CA ASN A 48 -11.30 12.50 -13.18
C ASN A 48 -9.83 12.94 -13.09
N ALA A 49 -8.97 12.06 -12.57
CA ALA A 49 -7.54 12.36 -12.49
C ALA A 49 -6.89 12.53 -13.87
N ILE A 50 -7.21 11.63 -14.80
CA ILE A 50 -6.71 11.71 -16.16
C ILE A 50 -7.12 13.03 -16.82
N LEU A 51 -8.36 13.45 -16.62
CA LEU A 51 -8.82 14.69 -17.23
C LEU A 51 -7.98 15.86 -16.70
N LYS A 52 -7.68 15.86 -15.41
CA LYS A 52 -6.92 16.97 -14.86
C LYS A 52 -5.46 16.97 -15.32
N SER A 53 -4.80 15.81 -15.26
CA SER A 53 -3.38 15.77 -15.63
C SER A 53 -3.16 16.06 -17.11
N GLU A 54 -3.99 15.46 -17.96
CA GLU A 54 -3.87 15.70 -19.40
C GLU A 54 -4.13 17.16 -19.76
N ALA A 55 -5.08 17.78 -19.09
CA ALA A 55 -5.39 19.17 -19.39
C ALA A 55 -4.24 20.10 -19.03
N ALA A 56 -3.62 19.89 -17.85
CA ALA A 56 -2.50 20.72 -17.43
C ALA A 56 -1.32 20.49 -18.34
N ALA A 57 -1.10 19.23 -18.70
CA ALA A 57 0.07 18.84 -19.48
C ALA A 57 0.01 19.44 -20.89
N LYS A 58 -1.16 19.36 -21.52
CA LYS A 58 -1.33 19.96 -22.84
C LYS A 58 -1.18 21.49 -22.83
N ALA A 59 -1.69 22.15 -21.80
CA ALA A 59 -1.61 23.61 -21.74
C ALA A 59 -0.20 24.13 -21.39
N LEU A 60 0.62 23.28 -20.76
CA LEU A 60 1.92 23.72 -20.23
C LEU A 60 3.07 23.06 -20.98
N ASN A 61 2.76 22.01 -21.75
CA ASN A 61 3.76 21.25 -22.46
C ASN A 61 4.85 20.72 -21.51
N LYS A 62 4.40 20.25 -20.35
CA LYS A 62 5.22 19.67 -19.30
C LYS A 62 4.57 18.36 -18.83
N THR A 63 5.37 17.50 -18.22
CA THR A 63 4.85 16.41 -17.40
C THR A 63 4.24 16.96 -16.10
N VAL A 64 3.03 16.49 -15.76
CA VAL A 64 2.40 16.87 -14.48
C VAL A 64 1.72 15.65 -13.85
N ILE A 65 1.32 15.79 -12.60
CA ILE A 65 0.44 14.78 -12.00
C ILE A 65 -0.84 15.41 -11.50
N ALA A 66 -1.90 14.63 -11.46
CA ALA A 66 -3.12 15.08 -10.84
C ALA A 66 -3.60 14.00 -9.88
N ASP A 67 -4.60 14.35 -9.07
CA ASP A 67 -5.06 13.53 -7.99
C ASP A 67 -6.58 13.61 -7.94
N ASP A 68 -7.25 12.46 -7.92
CA ASP A 68 -8.66 12.46 -7.61
C ASP A 68 -8.94 11.42 -6.55
N SER A 69 -9.40 11.89 -5.39
CA SER A 69 -9.53 11.05 -4.22
C SER A 69 -10.93 11.16 -3.64
N GLY A 70 -11.32 10.21 -2.82
CA GLY A 70 -12.61 10.24 -2.17
C GLY A 70 -12.75 9.21 -1.06
N LEU A 71 -13.93 9.20 -0.46
CA LEU A 71 -14.24 8.33 0.66
C LEU A 71 -15.42 7.45 0.28
N GLU A 72 -15.26 6.15 0.48
CA GLU A 72 -16.29 5.18 0.17
C GLU A 72 -16.73 4.54 1.47
N VAL A 73 -17.99 4.74 1.86
CA VAL A 73 -18.48 4.19 3.12
C VAL A 73 -19.31 2.93 2.90
N PHE A 74 -18.85 1.81 3.43
CA PHE A 74 -19.52 0.53 3.24
C PHE A 74 -21.05 0.62 3.38
N ALA A 75 -21.51 1.01 4.56
CA ALA A 75 -22.96 1.10 4.82
C ALA A 75 -23.75 1.96 3.82
N LEU A 76 -23.07 2.78 3.03
CA LEU A 76 -23.77 3.58 2.05
C LEU A 76 -23.45 3.11 0.64
N ASN A 77 -23.10 1.82 0.54
CA ASN A 77 -22.55 1.21 -0.70
C ASN A 77 -21.66 2.13 -1.56
N GLY A 78 -20.65 2.73 -0.92
CA GLY A 78 -19.64 3.47 -1.65
C GLY A 78 -19.83 4.98 -1.70
N GLU A 79 -20.88 5.50 -1.08
CA GLU A 79 -20.99 6.95 -1.01
C GLU A 79 -19.94 7.42 -0.01
N PRO A 80 -19.48 8.68 -0.15
CA PRO A 80 -19.74 9.65 -1.22
C PRO A 80 -19.03 9.34 -2.55
N GLY A 81 -18.00 8.50 -2.55
CA GLY A 81 -17.28 8.17 -3.76
C GLY A 81 -16.82 9.38 -4.56
N ILE A 82 -16.99 9.34 -5.89
CA ILE A 82 -16.53 10.44 -6.73
C ILE A 82 -17.21 11.77 -6.38
N TYR A 83 -18.32 11.70 -5.67
CA TYR A 83 -18.97 12.92 -5.20
C TYR A 83 -18.42 13.41 -3.86
N SER A 84 -17.33 12.80 -3.38
CA SER A 84 -16.75 13.17 -2.10
C SER A 84 -16.52 14.68 -1.91
N ALA A 85 -15.99 15.37 -2.93
CA ALA A 85 -15.64 16.79 -2.80
C ALA A 85 -16.84 17.74 -2.70
N ARG A 86 -17.94 17.36 -3.33
CA ARG A 86 -19.08 18.25 -3.45
C ARG A 86 -20.33 17.55 -2.91
N TYR A 87 -20.10 16.62 -2.00
CA TYR A 87 -21.16 15.79 -1.41
C TYR A 87 -22.38 16.59 -0.96
N ALA A 88 -22.15 17.72 -0.29
CA ALA A 88 -23.25 18.46 0.30
C ALA A 88 -23.72 19.61 -0.60
N GLY A 89 -22.94 19.91 -1.63
CA GLY A 89 -23.27 20.98 -2.55
C GLY A 89 -22.09 21.39 -3.40
N GLU A 90 -22.31 22.32 -4.33
CA GLU A 90 -21.27 22.75 -5.27
C GLU A 90 -20.27 23.73 -4.67
N ASN A 91 -20.64 24.37 -3.57
CA ASN A 91 -19.72 25.24 -2.85
C ASN A 91 -18.52 24.49 -2.24
N LYS A 92 -18.61 23.16 -2.23
CA LYS A 92 -17.53 22.30 -1.76
C LYS A 92 -17.08 22.67 -0.34
N SER A 93 -18.03 22.74 0.59
CA SER A 93 -17.68 22.97 1.99
C SER A 93 -17.30 21.66 2.65
N ASP A 94 -16.05 21.53 3.07
CA ASP A 94 -15.64 20.34 3.79
C ASP A 94 -16.54 20.14 5.02
N GLU A 95 -16.81 21.22 5.75
CA GLU A 95 -17.65 21.13 6.94
C GLU A 95 -19.07 20.65 6.64
N ALA A 96 -19.65 21.10 5.52
CA ALA A 96 -21.00 20.66 5.14
C ALA A 96 -21.00 19.20 4.72
N ASN A 97 -19.97 18.81 3.99
CA ASN A 97 -19.82 17.43 3.57
C ASN A 97 -19.76 16.47 4.75
N ILE A 98 -19.04 16.87 5.79
CA ILE A 98 -18.90 16.03 6.97
C ILE A 98 -20.23 15.89 7.67
N GLU A 99 -20.95 17.00 7.83
CA GLU A 99 -22.24 16.99 8.53
C GLU A 99 -23.24 16.12 7.82
N LYS A 100 -23.30 16.23 6.50
CA LYS A 100 -24.17 15.36 5.72
C LYS A 100 -23.84 13.88 5.91
N LEU A 101 -22.57 13.52 5.70
CA LEU A 101 -22.15 12.14 5.90
C LEU A 101 -22.48 11.64 7.30
N LEU A 102 -22.18 12.43 8.32
CA LEU A 102 -22.51 12.03 9.68
C LEU A 102 -24.03 11.81 9.87
N ASN A 103 -24.85 12.76 9.40
CA ASN A 103 -26.30 12.65 9.51
C ASN A 103 -26.82 11.38 8.88
N LYS A 104 -26.33 11.09 7.68
CA LYS A 104 -26.72 9.88 6.96
C LYS A 104 -26.33 8.59 7.66
N LEU A 105 -25.32 8.64 8.53
CA LEU A 105 -24.92 7.45 9.30
C LEU A 105 -25.41 7.47 10.77
N GLY A 106 -26.43 8.29 11.04
CA GLY A 106 -26.92 8.56 12.38
C GLY A 106 -26.86 7.47 13.45
N ASN A 107 -27.38 6.29 13.13
CA ASN A 107 -27.33 5.21 14.10
C ASN A 107 -26.42 4.04 13.69
N THR A 108 -26.17 3.91 12.39
CA THR A 108 -25.40 2.80 11.80
C THR A 108 -24.21 2.31 12.65
N THR A 109 -24.10 0.99 12.83
CA THR A 109 -23.03 0.43 13.66
C THR A 109 -21.83 -0.12 12.87
N ASP A 110 -22.05 -0.51 11.63
CA ASP A 110 -20.96 -0.90 10.74
C ASP A 110 -20.48 0.35 10.01
N ARG A 111 -19.48 1.02 10.56
CA ARG A 111 -19.03 2.30 10.00
C ARG A 111 -17.77 2.18 9.14
N ARG A 112 -17.49 0.98 8.66
CA ARG A 112 -16.32 0.76 7.83
C ARG A 112 -16.34 1.69 6.62
N ALA A 113 -15.18 2.24 6.30
CA ALA A 113 -15.04 3.13 5.16
C ALA A 113 -13.62 2.99 4.66
N GLN A 114 -13.35 3.58 3.50
CA GLN A 114 -12.05 3.45 2.88
C GLN A 114 -11.73 4.76 2.19
N PHE A 115 -10.49 5.21 2.30
CA PHE A 115 -10.05 6.39 1.57
C PHE A 115 -9.37 5.90 0.30
N VAL A 116 -9.68 6.53 -0.82
CA VAL A 116 -9.13 6.11 -2.09
C VAL A 116 -8.42 7.27 -2.79
N CYS A 117 -7.24 7.02 -3.33
CA CYS A 117 -6.51 8.04 -4.08
C CYS A 117 -5.97 7.49 -5.39
N VAL A 118 -6.35 8.12 -6.49
CA VAL A 118 -5.77 7.80 -7.79
C VAL A 118 -4.94 8.97 -8.31
N ILE A 119 -3.66 8.69 -8.58
CA ILE A 119 -2.72 9.67 -9.12
C ILE A 119 -2.54 9.37 -10.61
N SER A 120 -2.72 10.36 -11.49
CA SER A 120 -2.36 10.13 -12.88
C SER A 120 -1.20 11.03 -13.32
N MET A 121 -0.26 10.45 -14.07
CA MET A 121 0.86 11.22 -14.61
C MET A 121 0.68 11.40 -16.11
N SER A 122 0.84 12.63 -16.59
CA SER A 122 0.69 12.91 -18.00
C SER A 122 1.78 13.83 -18.46
N GLY A 123 2.10 13.75 -19.74
CA GLY A 123 3.21 14.49 -20.29
C GLY A 123 3.24 14.37 -21.80
N PRO A 124 4.02 15.24 -22.44
CA PRO A 124 4.12 15.31 -23.90
C PRO A 124 4.86 14.12 -24.52
N ASP A 125 5.54 13.31 -23.73
CA ASP A 125 6.32 12.22 -24.27
C ASP A 125 5.96 10.84 -23.72
N MET A 126 4.80 10.72 -23.08
CA MET A 126 4.36 9.46 -22.50
C MET A 126 2.85 9.37 -22.63
N GLU A 127 2.33 8.14 -22.69
CA GLU A 127 0.90 7.94 -22.51
C GLU A 127 0.59 8.16 -21.04
N THR A 128 -0.61 8.61 -20.74
CA THR A 128 -0.97 8.86 -19.35
C THR A 128 -0.93 7.58 -18.53
N LYS A 129 -0.37 7.66 -17.32
CA LYS A 129 -0.32 6.50 -16.45
C LYS A 129 -0.99 6.79 -15.08
N VAL A 130 -1.73 5.81 -14.56
CA VAL A 130 -2.48 5.98 -13.30
C VAL A 130 -2.03 5.02 -12.20
N PHE A 131 -2.11 5.48 -10.95
CA PHE A 131 -1.73 4.68 -9.79
C PHE A 131 -2.72 4.86 -8.64
N LYS A 132 -3.16 3.75 -8.04
CA LYS A 132 -4.19 3.80 -7.01
C LYS A 132 -3.67 3.41 -5.62
N GLY A 133 -3.99 4.24 -4.62
CA GLY A 133 -3.70 3.90 -3.23
C GLY A 133 -4.98 3.90 -2.40
N THR A 134 -5.00 3.08 -1.34
CA THR A 134 -6.13 3.07 -0.41
C THR A 134 -5.69 2.95 1.06
N VAL A 135 -6.54 3.39 1.97
CA VAL A 135 -6.34 3.12 3.38
C VAL A 135 -7.69 2.88 4.04
N SER A 136 -7.74 1.88 4.92
CA SER A 136 -9.01 1.52 5.55
C SER A 136 -9.17 2.20 6.90
N GLY A 137 -10.43 2.36 7.31
CA GLY A 137 -10.76 2.95 8.58
C GLY A 137 -12.25 2.85 8.86
N GLU A 138 -12.72 3.66 9.79
CA GLU A 138 -14.12 3.66 10.19
C GLU A 138 -14.50 5.10 10.30
N ILE A 139 -15.79 5.37 10.16
CA ILE A 139 -16.26 6.74 10.31
C ILE A 139 -16.54 6.92 11.79
N ALA A 140 -15.91 7.93 12.41
CA ALA A 140 -16.10 8.16 13.84
C ALA A 140 -17.49 8.75 14.11
N ASP A 141 -17.77 8.99 15.39
CA ASP A 141 -19.06 9.55 15.76
C ASP A 141 -19.01 11.08 15.82
N GLY A 142 -17.94 11.67 15.32
CA GLY A 142 -17.79 13.12 15.40
C GLY A 142 -16.44 13.56 14.88
N LYS A 143 -16.13 14.85 15.02
CA LYS A 143 -14.88 15.36 14.47
C LYS A 143 -13.80 15.36 15.54
N TYR A 144 -12.67 14.71 15.27
CA TYR A 144 -11.57 14.68 16.23
C TYR A 144 -10.28 15.14 15.59
N GLY A 145 -9.56 16.06 16.24
CA GLY A 145 -8.35 16.62 15.66
C GLY A 145 -8.69 17.75 14.71
N GLU A 146 -7.69 18.47 14.22
CA GLU A 146 -7.95 19.57 13.31
C GLU A 146 -6.88 19.74 12.22
N ASN A 147 -5.95 18.80 12.12
CA ASN A 147 -4.99 18.81 11.00
C ASN A 147 -5.63 18.25 9.73
N GLY A 148 -4.91 18.34 8.62
CA GLY A 148 -5.37 17.74 7.38
C GLY A 148 -6.51 18.56 6.79
N PHE A 149 -7.42 17.89 6.09
CA PHE A 149 -8.51 18.56 5.39
C PHE A 149 -9.58 17.54 5.01
N GLY A 150 -10.65 18.02 4.38
CA GLY A 150 -11.68 17.12 3.91
C GLY A 150 -12.28 16.28 5.02
N TYR A 151 -12.40 14.97 4.80
CA TYR A 151 -13.05 14.12 5.79
C TYR A 151 -12.06 13.66 6.86
N ASP A 152 -10.86 14.21 6.84
CA ASP A 152 -9.86 13.82 7.85
C ASP A 152 -10.39 13.73 9.30
N PRO A 153 -11.18 14.72 9.77
CA PRO A 153 -11.55 14.68 11.19
C PRO A 153 -12.51 13.54 11.60
N ILE A 154 -13.13 12.87 10.64
CA ILE A 154 -14.03 11.78 10.99
C ILE A 154 -13.55 10.44 10.49
N PHE A 155 -12.36 10.40 9.90
CA PHE A 155 -11.84 9.13 9.42
C PHE A 155 -10.89 8.52 10.46
N TYR A 156 -11.44 7.58 11.25
CA TYR A 156 -10.74 6.94 12.35
C TYR A 156 -9.91 5.79 11.79
N VAL A 157 -8.64 5.75 12.18
CA VAL A 157 -7.75 4.71 11.69
C VAL A 157 -7.40 3.76 12.82
N PRO A 158 -8.05 2.57 12.86
CA PRO A 158 -7.91 1.61 13.96
C PRO A 158 -6.45 1.27 14.27
N LYS A 159 -5.65 0.98 13.23
CA LYS A 159 -4.19 0.80 13.32
C LYS A 159 -3.53 1.79 14.25
N LEU A 160 -4.07 3.01 14.31
CA LEU A 160 -3.34 4.08 14.98
C LEU A 160 -4.13 4.56 16.18
N ASP A 161 -5.34 4.03 16.35
CA ASP A 161 -6.31 4.54 17.31
C ASP A 161 -6.45 6.07 17.23
N LYS A 162 -6.48 6.62 16.01
CA LYS A 162 -6.60 8.06 15.81
C LYS A 162 -7.35 8.35 14.52
N THR A 163 -7.95 9.53 14.41
CA THR A 163 -8.48 9.95 13.12
C THR A 163 -7.36 10.55 12.29
N MET A 164 -7.55 10.59 10.97
CA MET A 164 -6.58 11.17 10.07
C MET A 164 -6.23 12.59 10.53
N ALA A 165 -7.21 13.38 10.97
CA ALA A 165 -6.91 14.76 11.42
C ALA A 165 -6.14 14.85 12.74
N GLN A 166 -6.06 13.75 13.46
CA GLN A 166 -5.30 13.78 14.70
C GLN A 166 -3.80 13.59 14.45
N LEU A 167 -3.46 13.02 13.29
CA LEU A 167 -2.08 12.68 12.99
C LEU A 167 -1.31 13.94 12.59
N SER A 168 -0.04 14.00 12.94
CA SER A 168 0.84 15.08 12.47
C SER A 168 0.94 14.96 10.96
N LYS A 169 1.35 16.02 10.28
CA LYS A 169 1.48 15.95 8.83
C LYS A 169 2.44 14.83 8.46
N GLU A 170 3.49 14.65 9.25
CA GLU A 170 4.49 13.61 8.99
C GLU A 170 3.90 12.20 9.09
N GLN A 171 3.16 11.94 10.17
CA GLN A 171 2.55 10.63 10.34
C GLN A 171 1.49 10.29 9.27
N LYS A 172 0.65 11.27 8.92
CA LYS A 172 -0.35 11.07 7.86
C LYS A 172 0.37 10.62 6.59
N GLY A 173 1.47 11.30 6.28
CA GLY A 173 2.25 10.98 5.09
C GLY A 173 2.88 9.60 5.07
N GLN A 174 2.88 8.90 6.19
CA GLN A 174 3.44 7.56 6.23
C GLN A 174 2.38 6.53 5.86
N ILE A 175 1.10 6.88 6.04
CA ILE A 175 0.05 5.87 5.93
C ILE A 175 -1.17 6.20 5.06
N SER A 176 -1.23 7.41 4.51
CA SER A 176 -2.43 7.79 3.80
C SER A 176 -2.57 7.04 2.49
N HIS A 177 -3.78 7.03 1.95
CA HIS A 177 -4.09 6.52 0.63
C HIS A 177 -3.26 7.21 -0.46
N ARG A 178 -2.97 8.48 -0.25
CA ARG A 178 -2.18 9.25 -1.19
C ARG A 178 -0.70 8.83 -1.08
N ARG A 179 -0.23 8.56 0.13
CA ARG A 179 1.12 8.02 0.27
C ARG A 179 1.24 6.70 -0.47
N ASN A 180 0.21 5.86 -0.38
CA ASN A 180 0.27 4.56 -1.02
C ASN A 180 0.26 4.64 -2.54
N ALA A 181 -0.52 5.56 -3.09
CA ALA A 181 -0.54 5.78 -4.52
C ALA A 181 0.81 6.29 -5.01
N ILE A 182 1.39 7.22 -4.26
CA ILE A 182 2.64 7.83 -4.67
C ILE A 182 3.79 6.81 -4.62
N ASN A 183 3.70 5.83 -3.71
CA ASN A 183 4.73 4.77 -3.62
C ASN A 183 4.80 3.97 -4.91
N LEU A 184 3.64 3.69 -5.48
CA LEU A 184 3.56 3.04 -6.78
C LEU A 184 4.13 3.96 -7.86
N LEU A 185 3.88 5.27 -7.75
CA LEU A 185 4.43 6.23 -8.70
C LEU A 185 5.95 6.28 -8.62
N GLN A 186 6.46 6.44 -7.41
CA GLN A 186 7.91 6.54 -7.21
C GLN A 186 8.62 5.29 -7.65
N ALA A 187 7.98 4.13 -7.45
CA ALA A 187 8.54 2.87 -7.93
C ALA A 187 8.60 2.87 -9.45
N PHE A 188 7.55 3.40 -10.06
CA PHE A 188 7.49 3.55 -11.51
C PHE A 188 8.64 4.42 -12.01
N LEU A 189 8.84 5.56 -11.37
CA LEU A 189 9.93 6.48 -11.71
C LEU A 189 11.32 5.82 -11.53
N GLU A 190 11.46 5.02 -10.48
CA GLU A 190 12.71 4.32 -10.23
C GLU A 190 12.95 3.28 -11.31
N GLY A 191 11.87 2.64 -11.77
CA GLY A 191 11.95 1.71 -12.88
C GLY A 191 12.43 2.35 -14.18
N GLU A 192 12.10 3.61 -14.42
CA GLU A 192 12.52 4.26 -15.67
C GLU A 192 13.92 4.85 -15.61
N LYS A 193 14.58 4.69 -14.46
CA LYS A 193 15.99 4.99 -14.39
C LYS A 193 16.79 3.74 -14.76
N ASN A 194 16.38 3.10 -15.85
CA ASN A 194 17.08 1.94 -16.42
C ASN A 194 17.28 0.81 -15.44
N VAL A 195 16.21 0.40 -14.76
CA VAL A 195 16.22 -0.71 -13.79
C VAL A 195 17.17 -0.45 -12.62
N LYS B 2 16.08 -11.27 -20.64
CA LYS B 2 15.27 -12.44 -20.92
C LYS B 2 15.14 -13.36 -19.71
N GLU B 3 16.18 -13.45 -18.88
CA GLU B 3 16.12 -14.34 -17.71
C GLU B 3 16.05 -13.62 -16.35
N ILE B 4 15.32 -14.21 -15.41
CA ILE B 4 15.16 -13.67 -14.07
C ILE B 4 15.04 -14.82 -13.06
N VAL B 5 15.88 -14.83 -12.03
CA VAL B 5 15.86 -15.95 -11.08
C VAL B 5 15.19 -15.61 -9.74
N ILE B 6 14.53 -16.61 -9.17
CA ILE B 6 13.83 -16.44 -7.91
C ILE B 6 14.61 -17.15 -6.84
N ALA B 7 15.04 -16.39 -5.83
CA ALA B 7 15.76 -16.99 -4.70
C ALA B 7 14.78 -17.68 -3.75
N SER B 8 14.08 -18.68 -4.28
CA SER B 8 13.11 -19.43 -3.51
C SER B 8 12.99 -20.87 -3.99
N ASN B 9 12.60 -21.77 -3.09
CA ASN B 9 12.31 -23.16 -3.45
C ASN B 9 10.80 -23.43 -3.58
N ASN B 10 10.01 -22.37 -3.56
CA ASN B 10 8.55 -22.49 -3.57
C ASN B 10 7.97 -22.38 -4.99
N GLN B 11 7.53 -23.51 -5.56
CA GLN B 11 7.02 -23.51 -6.93
C GLN B 11 5.79 -22.62 -7.09
N GLY B 12 5.07 -22.40 -6.00
CA GLY B 12 3.98 -21.45 -6.00
C GLY B 12 4.46 -20.08 -6.39
N LYS B 13 5.43 -19.56 -5.63
CA LYS B 13 5.99 -18.23 -5.85
C LYS B 13 6.56 -18.09 -7.25
N ILE B 14 7.30 -19.11 -7.68
CA ILE B 14 7.96 -19.06 -8.97
C ILE B 14 6.94 -18.95 -10.09
N ASN B 15 5.91 -19.78 -10.05
CA ASN B 15 4.86 -19.72 -11.06
C ASN B 15 4.13 -18.39 -11.04
N ASP B 16 3.90 -17.86 -9.84
CA ASP B 16 3.34 -16.51 -9.70
C ASP B 16 4.18 -15.53 -10.50
N PHE B 17 5.51 -15.66 -10.40
CA PHE B 17 6.42 -14.74 -11.07
C PHE B 17 6.46 -14.88 -12.59
N LYS B 18 6.02 -16.03 -13.10
CA LYS B 18 6.00 -16.28 -14.54
C LYS B 18 4.96 -15.40 -15.23
N VAL B 19 3.96 -14.98 -14.46
CA VAL B 19 2.93 -14.12 -15.00
C VAL B 19 3.37 -12.66 -14.99
N ILE B 20 4.17 -12.29 -14.00
CA ILE B 20 4.61 -10.89 -13.91
C ILE B 20 5.90 -10.71 -14.71
N PHE B 21 6.55 -11.81 -15.03
CA PHE B 21 7.62 -11.79 -16.01
C PHE B 21 7.29 -12.73 -17.17
N PRO B 22 6.26 -12.38 -17.97
CA PRO B 22 5.92 -13.26 -19.08
C PRO B 22 6.80 -12.92 -20.27
N ASP B 23 7.44 -11.75 -20.22
CA ASP B 23 8.45 -11.35 -21.18
C ASP B 23 9.77 -12.07 -20.88
N TYR B 24 9.85 -12.65 -19.69
CA TYR B 24 11.11 -13.23 -19.23
C TYR B 24 11.08 -14.76 -19.12
N HIS B 25 12.27 -15.35 -19.07
CA HIS B 25 12.42 -16.74 -18.64
C HIS B 25 12.63 -16.75 -17.13
N VAL B 26 11.65 -17.27 -16.40
CA VAL B 26 11.68 -17.27 -14.94
C VAL B 26 12.24 -18.60 -14.41
N ILE B 27 13.34 -18.52 -13.67
CA ILE B 27 14.13 -19.70 -13.31
C ILE B 27 14.22 -19.80 -11.79
N GLY B 28 13.89 -20.96 -11.23
CA GLY B 28 14.06 -21.15 -9.80
C GLY B 28 15.53 -21.28 -9.46
N ILE B 29 15.94 -20.72 -8.32
CA ILE B 29 17.35 -20.67 -7.94
C ILE B 29 18.01 -22.05 -7.92
N SER B 30 17.25 -23.08 -7.55
CA SER B 30 17.78 -24.44 -7.42
C SER B 30 18.28 -24.98 -8.75
N GLU B 31 17.85 -24.35 -9.84
CA GLU B 31 18.33 -24.73 -11.16
C GLU B 31 19.77 -24.27 -11.40
N LEU B 32 20.20 -23.22 -10.68
CA LEU B 32 21.53 -22.65 -10.87
C LEU B 32 22.45 -22.91 -9.67
N ILE B 33 21.92 -22.84 -8.46
CA ILE B 33 22.67 -23.15 -7.25
C ILE B 33 21.85 -24.12 -6.41
N PRO B 34 21.95 -25.43 -6.72
CA PRO B 34 21.17 -26.46 -6.04
C PRO B 34 21.38 -26.45 -4.53
N ASP B 35 22.55 -25.98 -4.09
CA ASP B 35 22.86 -26.00 -2.66
C ASP B 35 22.80 -24.61 -2.08
N PHE B 36 22.07 -23.72 -2.74
CA PHE B 36 21.85 -22.35 -2.26
C PHE B 36 21.48 -22.34 -0.78
N ASP B 37 22.20 -21.52 -0.03
CA ASP B 37 22.08 -21.51 1.42
C ASP B 37 22.67 -20.18 1.86
N VAL B 38 21.81 -19.30 2.35
CA VAL B 38 22.24 -17.97 2.77
C VAL B 38 21.95 -17.83 4.24
N GLU B 39 22.96 -17.43 5.00
CA GLU B 39 22.80 -17.25 6.43
C GLU B 39 22.03 -15.94 6.65
N GLU B 40 20.81 -16.06 7.19
CA GLU B 40 19.97 -14.88 7.38
C GLU B 40 20.40 -14.12 8.63
N THR B 41 21.50 -13.39 8.51
CA THR B 41 22.10 -12.69 9.64
C THR B 41 21.53 -11.29 9.85
N GLY B 42 20.44 -10.98 9.15
CA GLY B 42 19.85 -9.66 9.24
C GLY B 42 18.90 -9.51 10.42
N SER B 43 18.42 -8.28 10.61
CA SER B 43 17.58 -7.96 11.75
C SER B 43 16.14 -7.73 11.33
N THR B 44 15.95 -7.41 10.06
CA THR B 44 14.62 -7.12 9.55
C THR B 44 14.35 -7.96 8.32
N PHE B 45 13.09 -7.95 7.86
CA PHE B 45 12.74 -8.72 6.70
C PHE B 45 13.53 -8.18 5.53
N GLU B 46 13.75 -6.87 5.54
CA GLU B 46 14.43 -6.20 4.44
C GLU B 46 15.90 -6.65 4.32
N GLU B 47 16.61 -6.70 5.45
CA GLU B 47 18.01 -7.10 5.42
C GLU B 47 18.15 -8.54 4.95
N ASN B 48 17.24 -9.40 5.41
CA ASN B 48 17.29 -10.80 5.04
C ASN B 48 16.89 -11.05 3.59
N ALA B 49 16.06 -10.17 3.04
CA ALA B 49 15.68 -10.33 1.66
C ALA B 49 16.85 -9.95 0.79
N ILE B 50 17.54 -8.88 1.20
CA ILE B 50 18.67 -8.35 0.47
C ILE B 50 19.86 -9.32 0.46
N LEU B 51 20.14 -9.95 1.60
CA LEU B 51 21.18 -10.96 1.64
C LEU B 51 20.91 -12.08 0.62
N LYS B 52 19.65 -12.55 0.55
CA LYS B 52 19.34 -13.65 -0.36
C LYS B 52 19.49 -13.24 -1.83
N SER B 53 18.98 -12.07 -2.22
CA SER B 53 19.02 -11.70 -3.61
C SER B 53 20.43 -11.26 -4.03
N GLU B 54 21.18 -10.68 -3.11
CA GLU B 54 22.55 -10.27 -3.44
C GLU B 54 23.52 -11.44 -3.51
N ALA B 55 23.32 -12.43 -2.66
CA ALA B 55 24.19 -13.61 -2.71
C ALA B 55 24.02 -14.30 -4.06
N ALA B 56 22.78 -14.49 -4.50
CA ALA B 56 22.56 -15.12 -5.78
C ALA B 56 23.09 -14.25 -6.93
N ALA B 57 22.76 -12.95 -6.90
CA ALA B 57 23.12 -12.06 -7.99
C ALA B 57 24.61 -11.85 -8.15
N LYS B 58 25.34 -11.79 -7.06
CA LYS B 58 26.79 -11.61 -7.17
C LYS B 58 27.51 -12.88 -7.58
N ALA B 59 26.96 -14.03 -7.22
CA ALA B 59 27.58 -15.30 -7.61
C ALA B 59 27.24 -15.62 -9.06
N LEU B 60 26.12 -15.09 -9.57
CA LEU B 60 25.58 -15.54 -10.87
C LEU B 60 25.67 -14.50 -11.99
N ASN B 61 25.90 -13.24 -11.65
CA ASN B 61 25.85 -12.18 -12.64
C ASN B 61 24.48 -12.15 -13.34
N LYS B 62 23.42 -12.43 -12.60
CA LYS B 62 22.06 -12.38 -13.14
C LYS B 62 21.16 -11.55 -12.23
N THR B 63 19.98 -11.22 -12.74
CA THR B 63 18.99 -10.48 -11.96
C THR B 63 18.16 -11.48 -11.15
N VAL B 64 18.03 -11.22 -9.85
CA VAL B 64 17.33 -12.16 -8.99
C VAL B 64 16.43 -11.48 -7.99
N ILE B 65 15.34 -12.16 -7.66
CA ILE B 65 14.34 -11.67 -6.73
C ILE B 65 14.29 -12.57 -5.50
N ALA B 66 14.39 -11.99 -4.31
CA ALA B 66 14.13 -12.72 -3.07
C ALA B 66 13.03 -12.03 -2.28
N ASP B 67 12.49 -12.72 -1.28
CA ASP B 67 11.60 -12.07 -0.33
C ASP B 67 11.81 -12.57 1.11
N ASP B 68 11.07 -11.97 2.02
CA ASP B 68 11.06 -12.36 3.43
C ASP B 68 9.78 -11.77 3.96
N SER B 69 9.07 -12.56 4.76
CA SER B 69 7.76 -12.17 5.24
C SER B 69 7.62 -12.55 6.70
N GLY B 70 6.53 -12.13 7.33
CA GLY B 70 6.37 -12.37 8.73
C GLY B 70 5.21 -11.61 9.35
N LEU B 71 4.94 -11.93 10.61
CA LEU B 71 3.91 -11.27 11.36
C LEU B 71 4.59 -10.43 12.41
N GLU B 72 4.10 -9.22 12.62
CA GLU B 72 4.58 -8.39 13.71
C GLU B 72 3.41 -8.05 14.61
N VAL B 73 3.52 -8.42 15.88
CA VAL B 73 2.48 -8.10 16.84
C VAL B 73 2.97 -6.99 17.76
N PHE B 74 2.21 -5.90 17.80
CA PHE B 74 2.68 -4.66 18.42
C PHE B 74 2.95 -4.79 19.92
N ALA B 75 2.07 -5.49 20.63
CA ALA B 75 2.25 -5.68 22.06
C ALA B 75 3.46 -6.57 22.40
N LEU B 76 3.88 -7.42 21.47
CA LEU B 76 5.02 -8.31 21.70
C LEU B 76 6.31 -7.71 21.16
N ASN B 77 6.30 -6.39 20.94
CA ASN B 77 7.42 -5.68 20.35
C ASN B 77 7.94 -6.27 19.04
N GLY B 78 7.03 -6.61 18.12
CA GLY B 78 7.44 -7.03 16.79
C GLY B 78 7.45 -8.52 16.55
N GLU B 79 7.52 -9.31 17.63
CA GLU B 79 7.47 -10.77 17.53
C GLU B 79 6.24 -11.19 16.74
N PRO B 80 6.33 -12.30 15.99
CA PRO B 80 7.50 -13.16 15.84
C PRO B 80 8.54 -12.56 14.90
N GLY B 81 8.13 -11.61 14.07
CA GLY B 81 9.07 -10.89 13.23
C GLY B 81 9.81 -11.82 12.28
N ILE B 82 11.12 -11.64 12.20
CA ILE B 82 11.95 -12.49 11.33
C ILE B 82 11.96 -13.95 11.77
N TYR B 83 11.36 -14.25 12.92
CA TYR B 83 11.28 -15.62 13.41
C TYR B 83 9.89 -16.22 13.25
N SER B 84 9.11 -15.66 12.33
CA SER B 84 7.74 -16.11 12.10
C SER B 84 7.59 -17.60 11.82
N ALA B 85 8.38 -18.13 10.91
CA ALA B 85 8.29 -19.54 10.53
C ALA B 85 8.62 -20.50 11.68
N ARG B 86 9.68 -20.19 12.42
CA ARG B 86 10.13 -21.07 13.49
C ARG B 86 9.93 -20.46 14.88
N TYR B 87 8.86 -19.70 15.04
CA TYR B 87 8.57 -19.00 16.29
C TYR B 87 8.62 -19.92 17.52
N ALA B 88 7.92 -21.06 17.44
CA ALA B 88 7.80 -21.95 18.60
C ALA B 88 8.81 -23.10 18.62
N GLY B 89 9.70 -23.14 17.62
CA GLY B 89 10.66 -24.22 17.50
C GLY B 89 11.06 -24.55 16.08
N GLU B 90 12.12 -25.34 15.93
CA GLU B 90 12.76 -25.56 14.64
C GLU B 90 12.01 -26.44 13.63
N ASN B 91 11.08 -27.26 14.11
CA ASN B 91 10.28 -28.10 13.23
C ASN B 91 9.10 -27.32 12.66
N LYS B 92 9.20 -25.99 12.75
CA LYS B 92 8.22 -25.03 12.22
C LYS B 92 6.77 -25.50 12.09
N SER B 93 6.11 -25.68 13.23
CA SER B 93 4.70 -26.08 13.24
C SER B 93 3.83 -24.86 13.47
N ASP B 94 3.04 -24.51 12.46
CA ASP B 94 2.19 -23.34 12.53
C ASP B 94 1.32 -23.32 13.79
N GLU B 95 0.65 -24.44 14.06
CA GLU B 95 -0.21 -24.54 15.24
C GLU B 95 0.61 -24.30 16.49
N ALA B 96 1.84 -24.81 16.51
CA ALA B 96 2.73 -24.59 17.64
C ALA B 96 3.09 -23.10 17.72
N ASN B 97 3.41 -22.52 16.57
CA ASN B 97 3.60 -21.08 16.48
C ASN B 97 2.37 -20.29 16.95
N ILE B 98 1.20 -20.61 16.41
CA ILE B 98 -0.06 -20.00 16.83
C ILE B 98 -0.27 -20.10 18.34
N GLU B 99 -0.01 -21.27 18.92
CA GLU B 99 -0.25 -21.47 20.35
C GLU B 99 0.72 -20.68 21.22
N LYS B 100 1.96 -20.56 20.77
CA LYS B 100 2.94 -19.77 21.50
C LYS B 100 2.57 -18.29 21.46
N LEU B 101 2.13 -17.82 20.29
CA LEU B 101 1.69 -16.43 20.15
C LEU B 101 0.46 -16.12 21.01
N LEU B 102 -0.58 -16.95 20.91
CA LEU B 102 -1.81 -16.70 21.66
C LEU B 102 -1.55 -16.68 23.15
N ASN B 103 -0.62 -17.54 23.60
CA ASN B 103 -0.33 -17.67 25.01
C ASN B 103 0.53 -16.53 25.56
N LYS B 104 1.46 -16.02 24.74
CA LYS B 104 2.29 -14.89 25.16
C LYS B 104 1.48 -13.58 25.14
N LEU B 105 0.50 -13.50 24.24
CA LEU B 105 -0.34 -12.32 24.15
C LEU B 105 -1.38 -12.42 25.25
N GLY B 106 -2.25 -13.42 25.11
CA GLY B 106 -3.18 -13.82 26.16
C GLY B 106 -4.26 -12.82 26.50
N ASN B 107 -4.10 -12.21 27.67
CA ASN B 107 -5.10 -11.31 28.25
C ASN B 107 -5.07 -9.92 27.60
N THR B 108 -3.94 -9.61 26.95
CA THR B 108 -3.68 -8.27 26.42
C THR B 108 -4.77 -7.72 25.48
N THR B 109 -5.22 -6.49 25.77
CA THR B 109 -6.31 -5.85 25.04
C THR B 109 -5.91 -5.26 23.68
N ASP B 110 -4.68 -4.74 23.61
CA ASP B 110 -4.15 -4.18 22.37
C ASP B 110 -3.58 -5.32 21.51
N ARG B 111 -4.38 -5.81 20.57
CA ARG B 111 -3.98 -6.96 19.76
C ARG B 111 -3.56 -6.58 18.34
N ARG B 112 -3.24 -5.30 18.15
CA ARG B 112 -2.87 -4.78 16.85
C ARG B 112 -1.64 -5.48 16.29
N ALA B 113 -1.69 -5.79 15.00
CA ALA B 113 -0.59 -6.50 14.35
C ALA B 113 -0.60 -6.22 12.84
N GLN B 114 0.51 -6.53 12.18
CA GLN B 114 0.59 -6.41 10.72
C GLN B 114 1.41 -7.55 10.10
N PHE B 115 1.02 -7.98 8.91
CA PHE B 115 1.88 -8.83 8.11
C PHE B 115 2.72 -7.93 7.21
N VAL B 116 4.01 -8.20 7.12
CA VAL B 116 4.83 -7.48 6.15
C VAL B 116 5.57 -8.41 5.19
N CYS B 117 5.55 -8.05 3.91
CA CYS B 117 6.32 -8.73 2.90
C CYS B 117 7.30 -7.77 2.24
N VAL B 118 8.60 -8.08 2.32
CA VAL B 118 9.58 -7.30 1.59
C VAL B 118 10.12 -8.07 0.40
N ILE B 119 10.00 -7.52 -0.80
CA ILE B 119 10.60 -8.13 -1.98
C ILE B 119 11.83 -7.34 -2.41
N SER B 120 12.94 -8.07 -2.59
CA SER B 120 14.24 -7.51 -2.97
C SER B 120 14.60 -7.94 -4.40
N MET B 121 15.16 -7.02 -5.18
CA MET B 121 15.63 -7.36 -6.52
C MET B 121 17.06 -6.85 -6.69
N SER B 122 17.97 -7.76 -7.02
CA SER B 122 19.38 -7.39 -7.20
C SER B 122 19.87 -7.87 -8.54
N GLY B 123 20.88 -7.20 -9.06
CA GLY B 123 21.42 -7.54 -10.37
C GLY B 123 22.69 -6.78 -10.68
N PRO B 124 23.32 -7.09 -11.82
CA PRO B 124 24.59 -6.48 -12.22
C PRO B 124 24.49 -5.00 -12.66
N ASP B 125 23.53 -4.67 -13.51
CA ASP B 125 23.44 -3.30 -14.05
C ASP B 125 22.46 -2.44 -13.26
N MET B 126 22.59 -2.46 -11.93
CA MET B 126 21.50 -2.05 -11.07
C MET B 126 21.88 -2.07 -9.59
N GLU B 127 21.46 -1.07 -8.83
CA GLU B 127 21.56 -1.14 -7.38
C GLU B 127 20.37 -1.94 -6.84
N THR B 128 20.56 -2.64 -5.73
CA THR B 128 19.50 -3.48 -5.17
C THR B 128 18.25 -2.67 -4.79
N LYS B 129 17.08 -3.17 -5.20
CA LYS B 129 15.81 -2.50 -4.94
C LYS B 129 14.91 -3.27 -3.98
N VAL B 130 14.22 -2.54 -3.11
CA VAL B 130 13.35 -3.11 -2.09
C VAL B 130 11.90 -2.64 -2.22
N PHE B 131 10.95 -3.57 -2.13
CA PHE B 131 9.55 -3.26 -2.28
C PHE B 131 8.78 -3.85 -1.10
N LYS B 132 8.22 -2.99 -0.26
CA LYS B 132 7.63 -3.42 1.00
C LYS B 132 6.11 -3.32 0.97
N GLY B 133 5.44 -4.44 1.22
CA GLY B 133 4.00 -4.43 1.32
C GLY B 133 3.61 -4.75 2.75
N THR B 134 2.41 -4.31 3.13
CA THR B 134 1.94 -4.46 4.49
C THR B 134 0.43 -4.65 4.45
N VAL B 135 -0.10 -5.37 5.44
CA VAL B 135 -1.54 -5.41 5.68
C VAL B 135 -1.76 -5.44 7.19
N SER B 136 -2.69 -4.62 7.66
CA SER B 136 -2.87 -4.48 9.10
C SER B 136 -4.06 -5.30 9.60
N GLY B 137 -4.03 -5.67 10.87
CA GLY B 137 -5.14 -6.33 11.51
C GLY B 137 -4.95 -6.54 13.01
N GLU B 138 -5.73 -7.46 13.57
CA GLU B 138 -5.67 -7.73 15.00
C GLU B 138 -5.58 -9.23 15.24
N ILE B 139 -4.79 -9.62 16.24
CA ILE B 139 -4.76 -11.03 16.65
C ILE B 139 -6.10 -11.41 17.27
N ALA B 140 -6.72 -12.45 16.75
CA ALA B 140 -8.02 -12.94 17.24
C ALA B 140 -7.97 -13.61 18.63
N ASP B 141 -9.13 -14.06 19.09
CA ASP B 141 -9.28 -14.73 20.38
C ASP B 141 -8.59 -16.09 20.39
N GLY B 142 -8.83 -16.85 19.34
CA GLY B 142 -8.14 -18.11 19.07
C GLY B 142 -8.20 -18.31 17.57
N LYS B 143 -8.16 -19.56 17.11
CA LYS B 143 -8.21 -19.82 15.66
C LYS B 143 -9.60 -19.64 15.06
N TYR B 144 -9.66 -19.10 13.85
CA TYR B 144 -10.92 -18.99 13.12
C TYR B 144 -10.59 -19.12 11.65
N GLY B 145 -11.34 -19.96 10.93
CA GLY B 145 -11.10 -20.14 9.51
C GLY B 145 -10.27 -21.37 9.13
N GLU B 146 -10.36 -21.77 7.87
CA GLU B 146 -9.72 -23.01 7.43
C GLU B 146 -8.79 -22.88 6.22
N ASN B 147 -8.88 -21.79 5.45
CA ASN B 147 -7.97 -21.58 4.34
C ASN B 147 -6.61 -21.03 4.76
N GLY B 148 -5.69 -20.90 3.80
CA GLY B 148 -4.40 -20.30 4.05
C GLY B 148 -3.49 -21.12 4.94
N PHE B 149 -2.58 -20.45 5.63
CA PHE B 149 -1.60 -21.14 6.46
C PHE B 149 -0.95 -20.19 7.46
N GLY B 150 0.12 -20.65 8.10
CA GLY B 150 0.83 -19.84 9.06
C GLY B 150 -0.12 -19.28 10.11
N TYR B 151 -0.13 -17.95 10.23
CA TYR B 151 -0.95 -17.32 11.25
C TYR B 151 -2.32 -16.85 10.77
N ASP B 152 -2.64 -17.08 9.49
CA ASP B 152 -3.95 -16.75 8.92
C ASP B 152 -5.19 -17.02 9.82
N PRO B 153 -5.22 -18.17 10.55
CA PRO B 153 -6.39 -18.38 11.44
C PRO B 153 -6.52 -17.40 12.61
N ILE B 154 -5.44 -16.80 13.07
CA ILE B 154 -5.55 -15.81 14.14
C ILE B 154 -5.35 -14.34 13.73
N PHE B 155 -5.32 -14.06 12.43
CA PHE B 155 -5.12 -12.70 11.95
C PHE B 155 -6.43 -12.11 11.44
N TYR B 156 -7.10 -11.35 12.31
CA TYR B 156 -8.39 -10.74 11.98
C TYR B 156 -8.22 -9.48 11.13
N VAL B 157 -8.99 -9.38 10.05
CA VAL B 157 -8.94 -8.25 9.15
C VAL B 157 -10.23 -7.43 9.26
N PRO B 158 -10.19 -6.36 10.10
CA PRO B 158 -11.32 -5.48 10.39
C PRO B 158 -12.07 -5.03 9.15
N LYS B 159 -11.35 -4.57 8.14
CA LYS B 159 -12.02 -4.10 6.91
C LYS B 159 -12.81 -5.19 6.19
N LEU B 160 -12.62 -6.44 6.59
CA LEU B 160 -13.37 -7.51 5.95
C LEU B 160 -14.19 -8.31 6.96
N ASP B 161 -13.99 -8.01 8.24
CA ASP B 161 -14.65 -8.71 9.34
C ASP B 161 -14.41 -10.22 9.27
N LYS B 162 -13.15 -10.61 9.17
CA LYS B 162 -12.76 -12.01 8.94
C LYS B 162 -11.27 -12.22 9.22
N THR B 163 -10.90 -13.41 9.67
CA THR B 163 -9.50 -13.80 9.73
C THR B 163 -9.04 -14.06 8.31
N MET B 164 -7.73 -14.00 8.08
CA MET B 164 -7.15 -14.29 6.77
C MET B 164 -7.49 -15.71 6.32
N ALA B 165 -7.69 -16.60 7.28
CA ALA B 165 -8.08 -17.98 7.00
C ALA B 165 -9.52 -18.10 6.49
N GLN B 166 -10.39 -17.18 6.91
CA GLN B 166 -11.77 -17.19 6.47
C GLN B 166 -11.93 -16.63 5.07
N LEU B 167 -10.86 -16.10 4.49
CA LEU B 167 -10.94 -15.53 3.15
C LEU B 167 -10.61 -16.60 2.10
N SER B 168 -11.23 -16.50 0.92
CA SER B 168 -10.82 -17.34 -0.20
C SER B 168 -9.39 -16.97 -0.60
N LYS B 169 -8.72 -17.85 -1.34
CA LYS B 169 -7.37 -17.56 -1.82
C LYS B 169 -7.35 -16.26 -2.62
N GLU B 170 -8.33 -16.09 -3.51
CA GLU B 170 -8.46 -14.90 -4.34
C GLU B 170 -8.74 -13.68 -3.49
N GLN B 171 -9.52 -13.86 -2.42
CA GLN B 171 -9.80 -12.77 -1.49
C GLN B 171 -8.52 -12.36 -0.77
N LYS B 172 -7.71 -13.35 -0.43
CA LYS B 172 -6.42 -13.08 0.20
C LYS B 172 -5.52 -12.35 -0.79
N GLY B 173 -5.59 -12.75 -2.06
CA GLY B 173 -4.71 -12.22 -3.09
C GLY B 173 -4.94 -10.76 -3.41
N GLN B 174 -6.04 -10.21 -2.91
CA GLN B 174 -6.40 -8.82 -3.17
C GLN B 174 -5.77 -7.87 -2.16
N ILE B 175 -5.72 -8.30 -0.90
CA ILE B 175 -5.40 -7.39 0.19
C ILE B 175 -4.14 -7.75 0.96
N SER B 176 -3.47 -8.84 0.57
CA SER B 176 -2.33 -9.33 1.36
C SER B 176 -1.09 -8.44 1.27
N HIS B 177 -0.26 -8.50 2.29
CA HIS B 177 1.04 -7.85 2.30
C HIS B 177 1.83 -8.18 1.06
N ARG B 178 1.74 -9.44 0.63
CA ARG B 178 2.48 -9.87 -0.54
C ARG B 178 2.00 -9.16 -1.81
N ARG B 179 0.67 -9.14 -2.03
CA ARG B 179 0.10 -8.40 -3.15
C ARG B 179 0.56 -6.95 -3.16
N ASN B 180 0.62 -6.36 -1.97
CA ASN B 180 1.11 -4.99 -1.85
C ASN B 180 2.56 -4.85 -2.31
N ALA B 181 3.42 -5.78 -1.95
CA ALA B 181 4.83 -5.72 -2.38
C ALA B 181 4.94 -5.98 -3.87
N ILE B 182 4.17 -6.94 -4.38
CA ILE B 182 4.19 -7.24 -5.81
C ILE B 182 3.69 -6.08 -6.66
N ASN B 183 2.71 -5.33 -6.16
CA ASN B 183 2.21 -4.16 -6.88
C ASN B 183 3.33 -3.16 -7.05
N LEU B 184 4.13 -3.01 -6.01
CA LEU B 184 5.22 -2.06 -6.05
C LEU B 184 6.27 -2.53 -7.05
N LEU B 185 6.50 -3.85 -7.10
CA LEU B 185 7.45 -4.41 -8.05
C LEU B 185 6.97 -4.21 -9.47
N GLN B 186 5.73 -4.59 -9.73
CA GLN B 186 5.15 -4.41 -11.06
C GLN B 186 5.23 -2.97 -11.57
N ALA B 187 5.04 -2.01 -10.68
CA ALA B 187 5.10 -0.59 -11.06
C ALA B 187 6.51 -0.20 -11.48
N PHE B 188 7.49 -0.77 -10.79
CA PHE B 188 8.89 -0.61 -11.15
C PHE B 188 9.14 -1.20 -12.53
N LEU B 189 8.69 -2.43 -12.72
CA LEU B 189 8.87 -3.14 -13.98
C LEU B 189 8.20 -2.39 -15.11
N GLU B 190 6.97 -1.93 -14.87
CA GLU B 190 6.26 -1.12 -15.85
C GLU B 190 7.08 0.13 -16.12
N GLY B 191 7.76 0.62 -15.09
CA GLY B 191 8.52 1.85 -15.18
C GLY B 191 9.60 1.80 -16.24
N GLU B 192 10.18 0.62 -16.45
CA GLU B 192 11.28 0.49 -17.41
C GLU B 192 10.81 0.25 -18.84
N LYS B 193 9.69 0.85 -19.19
CA LYS B 193 9.21 0.88 -20.57
C LYS B 193 8.67 2.27 -20.87
N ASN B 194 9.09 2.95 -21.81
#